data_9D50
#
_entry.id   9D50
#
_cell.length_a   57.267
_cell.length_b   80.951
_cell.length_c   65.634
_cell.angle_alpha   90
_cell.angle_beta   108.797
_cell.angle_gamma   90
#
_symmetry.space_group_name_H-M   'P 1 21 1'
#
loop_
_entity.id
_entity.type
_entity.pdbx_description
1 polymer 'Serine/threonine-protein kinase PAK 1'
2 non-polymer 3-cyano-N-[3-({6-[(5-cyclopropyl-1,3-thiazol-2-yl)amino]pyrazin-2-yl}amino)bicyclo[1.1.1]pentan-1-yl]azetidine-3-carboxamide
3 water water
#
_entity_poly.entity_id   1
_entity_poly.type   'polypeptide(L)'
_entity_poly.pdbx_seq_one_letter_code
;DEEILEKLRSIVSVGDPKKKYTRFEKIGQGASGTVYTAMDVATGQEVAIKQMNLQQQPKKELIINEILVMRENKNPNIVN
YLDSYLVGDELWVVMEYLAGGSLTDVVTETCMDEGQIAAVCRECLQALEFLHSNQVIHRNIKSDNILLGMDGSVKLTDFG
FCAQITPEQSKRSEMVGTPYWMAPEVVTRKAYGPKVDIWSLGIMAIEMIEGEPPYLNENPLRALYLIATNGTPELQNPEK
LSAIFRDFLNRCLEMDVEKRGSAKELLQHQFLKIAKPLSSLTPLIAAAKEATKNNH
;
_entity_poly.pdbx_strand_id   A,B
#
loop_
_chem_comp.id
_chem_comp.type
_chem_comp.name
_chem_comp.formula
A1A2T non-polymer 3-cyano-N-[3-({6-[(5-cyclopropyl-1,3-thiazol-2-yl)amino]pyrazin-2-yl}amino)bicyclo[1.1.1]pentan-1-yl]azetidine-3-carboxamide 'C20 H22 N8 O S'
#
# COMPACT_ATOMS: atom_id res chain seq x y z
N ASP A 1 -3.09 7.97 -17.56
CA ASP A 1 -3.31 7.44 -18.94
C ASP A 1 -4.46 6.44 -18.90
N GLU A 2 -5.59 6.81 -19.52
CA GLU A 2 -6.72 5.91 -19.71
C GLU A 2 -6.38 4.89 -20.80
N GLU A 3 -5.17 5.03 -21.39
CA GLU A 3 -4.50 3.98 -22.12
C GLU A 3 -4.07 2.83 -21.19
N ILE A 4 -3.38 3.15 -20.08
CA ILE A 4 -2.92 2.14 -19.14
C ILE A 4 -4.13 1.38 -18.61
N LEU A 5 -5.12 2.14 -18.12
CA LEU A 5 -6.32 1.58 -17.52
C LEU A 5 -7.04 0.66 -18.50
N GLU A 6 -7.05 1.03 -19.79
CA GLU A 6 -7.78 0.24 -20.77
C GLU A 6 -7.04 -1.07 -21.04
N LYS A 7 -5.70 -1.04 -21.00
CA LYS A 7 -4.91 -2.25 -21.13
C LYS A 7 -5.13 -3.17 -19.93
N LEU A 8 -5.30 -2.58 -18.74
CA LEU A 8 -5.56 -3.37 -17.54
C LEU A 8 -6.93 -4.03 -17.67
N ARG A 9 -7.92 -3.26 -18.14
CA ARG A 9 -9.28 -3.74 -18.23
C ARG A 9 -9.41 -4.88 -19.24
N SER A 10 -8.58 -4.86 -20.29
CA SER A 10 -8.65 -5.90 -21.30
C SER A 10 -7.85 -7.15 -20.90
N ILE A 11 -6.90 -7.03 -19.96
CA ILE A 11 -6.14 -8.22 -19.54
C ILE A 11 -6.99 -9.19 -18.72
N VAL A 12 -7.88 -8.67 -17.86
CA VAL A 12 -8.59 -9.47 -16.89
C VAL A 12 -9.71 -10.26 -17.55
N SER A 13 -10.12 -11.34 -16.87
CA SER A 13 -11.31 -12.08 -17.22
C SER A 13 -12.51 -11.28 -16.72
N VAL A 14 -13.69 -11.65 -17.22
CA VAL A 14 -14.91 -11.00 -16.77
C VAL A 14 -15.81 -12.08 -16.17
N GLY A 15 -16.97 -11.66 -15.68
CA GLY A 15 -17.77 -12.46 -14.78
C GLY A 15 -17.51 -12.05 -13.32
N ASP A 16 -18.39 -12.53 -12.44
CA ASP A 16 -18.32 -12.22 -11.02
C ASP A 16 -17.45 -13.28 -10.36
N PRO A 17 -16.27 -12.92 -9.79
CA PRO A 17 -15.45 -13.91 -9.10
C PRO A 17 -16.08 -14.35 -7.78
N LYS A 18 -17.00 -13.54 -7.23
CA LYS A 18 -17.71 -13.87 -6.00
C LYS A 18 -18.75 -14.97 -6.27
N LYS A 19 -18.92 -15.37 -7.53
CA LYS A 19 -19.73 -16.53 -7.88
C LYS A 19 -18.89 -17.65 -8.53
N LYS A 20 -17.72 -17.34 -9.12
CA LYS A 20 -16.86 -18.37 -9.70
C LYS A 20 -16.02 -19.06 -8.62
N TYR A 21 -15.90 -18.41 -7.46
CA TYR A 21 -15.14 -18.94 -6.34
C TYR A 21 -16.04 -18.90 -5.12
N THR A 22 -15.70 -19.70 -4.12
CA THR A 22 -16.49 -19.75 -2.90
C THR A 22 -15.56 -20.13 -1.74
N ARG A 23 -16.08 -20.05 -0.52
CA ARG A 23 -15.35 -20.47 0.66
C ARG A 23 -14.14 -19.57 0.87
N PHE A 24 -14.37 -18.26 0.95
CA PHE A 24 -13.30 -17.30 1.12
C PHE A 24 -12.86 -17.25 2.59
N GLU A 25 -11.55 -17.47 2.83
CA GLU A 25 -10.96 -17.36 4.14
C GLU A 25 -9.73 -16.47 4.02
N LYS A 26 -9.71 -15.37 4.79
CA LYS A 26 -8.57 -14.46 4.78
C LYS A 26 -7.36 -15.13 5.42
N ILE A 27 -6.22 -15.09 4.73
CA ILE A 27 -4.98 -15.67 5.23
C ILE A 27 -3.83 -14.66 5.28
N GLY A 28 -4.04 -13.42 4.85
CA GLY A 28 -2.98 -12.43 4.99
C GLY A 28 -3.47 -11.05 4.54
N GLN A 29 -2.70 -10.00 4.89
CA GLN A 29 -3.14 -8.64 4.67
C GLN A 29 -1.96 -7.69 4.78
N GLY A 30 -1.24 -7.51 3.68
CA GLY A 30 -0.18 -6.51 3.59
C GLY A 30 -0.72 -5.20 3.02
N ALA A 31 0.19 -4.26 2.74
CA ALA A 31 -0.14 -3.05 2.00
C ALA A 31 -0.34 -3.39 0.52
N SER A 32 0.26 -4.50 0.07
CA SER A 32 0.10 -4.98 -1.30
C SER A 32 -1.28 -5.64 -1.51
N GLY A 33 -2.10 -5.71 -0.45
CA GLY A 33 -3.45 -6.23 -0.56
C GLY A 33 -3.76 -7.30 0.51
N THR A 34 -4.97 -7.86 0.42
CA THR A 34 -5.43 -8.94 1.30
C THR A 34 -5.41 -10.25 0.52
N VAL A 35 -4.98 -11.33 1.18
CA VAL A 35 -4.92 -12.65 0.55
C VAL A 35 -5.95 -13.57 1.20
N TYR A 36 -6.71 -14.26 0.34
CA TYR A 36 -7.71 -15.25 0.71
C TYR A 36 -7.44 -16.61 0.03
N THR A 37 -7.77 -17.71 0.69
CA THR A 37 -7.97 -18.96 -0.02
C THR A 37 -9.43 -19.00 -0.45
N ALA A 38 -9.67 -19.76 -1.53
CA ALA A 38 -11.01 -20.04 -1.99
C ALA A 38 -10.99 -21.33 -2.79
N MET A 39 -12.18 -21.77 -3.20
CA MET A 39 -12.38 -22.95 -4.04
C MET A 39 -13.07 -22.58 -5.36
N ASP A 40 -12.50 -23.08 -6.45
CA ASP A 40 -13.02 -22.93 -7.81
C ASP A 40 -14.32 -23.73 -7.92
N VAL A 41 -15.45 -23.03 -8.11
CA VAL A 41 -16.74 -23.69 -8.20
C VAL A 41 -16.74 -24.71 -9.35
N ALA A 42 -15.98 -24.43 -10.42
CA ALA A 42 -15.99 -25.24 -11.64
C ALA A 42 -15.04 -26.45 -11.55
N THR A 43 -13.93 -26.31 -10.83
CA THR A 43 -12.83 -27.27 -10.87
C THR A 43 -12.80 -28.11 -9.59
N GLY A 44 -13.16 -27.51 -8.45
CA GLY A 44 -12.84 -28.06 -7.15
C GLY A 44 -11.54 -27.51 -6.55
N GLN A 45 -10.66 -26.93 -7.40
CA GLN A 45 -9.31 -26.55 -7.03
C GLN A 45 -9.35 -25.48 -5.95
N GLU A 46 -8.43 -25.63 -4.99
CA GLU A 46 -8.14 -24.59 -4.01
C GLU A 46 -7.21 -23.60 -4.68
N VAL A 47 -7.40 -22.31 -4.38
CA VAL A 47 -6.63 -21.26 -4.98
C VAL A 47 -6.38 -20.21 -3.90
N ALA A 48 -5.40 -19.37 -4.15
CA ALA A 48 -5.13 -18.17 -3.38
C ALA A 48 -5.52 -16.98 -4.23
N ILE A 49 -6.27 -16.02 -3.64
CA ILE A 49 -6.64 -14.82 -4.34
C ILE A 49 -6.07 -13.61 -3.60
N LYS A 50 -5.27 -12.82 -4.33
CA LYS A 50 -4.74 -11.58 -3.82
C LYS A 50 -5.61 -10.43 -4.31
N GLN A 51 -6.20 -9.70 -3.34
CA GLN A 51 -7.02 -8.54 -3.65
C GLN A 51 -6.19 -7.27 -3.45
N MET A 52 -5.99 -6.54 -4.54
CA MET A 52 -5.14 -5.36 -4.58
C MET A 52 -6.01 -4.15 -4.87
N ASN A 53 -6.01 -3.18 -3.95
CA ASN A 53 -6.73 -1.93 -4.15
C ASN A 53 -5.94 -1.03 -5.11
N LEU A 54 -6.60 -0.61 -6.20
CA LEU A 54 -5.97 0.10 -7.30
C LEU A 54 -5.58 1.52 -6.90
N GLN A 55 -6.44 2.23 -6.15
CA GLN A 55 -6.22 3.62 -5.79
C GLN A 55 -4.95 3.76 -4.96
N GLN A 56 -4.48 2.65 -4.37
CA GLN A 56 -3.25 2.62 -3.60
C GLN A 56 -2.03 2.69 -4.52
N GLN A 57 -2.15 2.12 -5.73
CA GLN A 57 -1.06 2.11 -6.70
C GLN A 57 -1.34 3.15 -7.80
N PRO A 58 -0.72 4.35 -7.73
CA PRO A 58 -0.91 5.36 -8.79
C PRO A 58 -0.28 4.98 -10.12
N LYS A 59 0.77 4.14 -10.10
CA LYS A 59 1.47 3.72 -11.31
C LYS A 59 0.94 2.36 -11.78
N LYS A 60 -0.19 2.39 -12.51
CA LYS A 60 -0.91 1.18 -12.93
C LYS A 60 -0.05 0.31 -13.86
N GLU A 61 0.95 0.89 -14.52
CA GLU A 61 1.85 0.11 -15.38
C GLU A 61 2.59 -0.94 -14.54
N LEU A 62 2.67 -0.77 -13.21
CA LEU A 62 3.35 -1.75 -12.34
C LEU A 62 2.50 -3.00 -12.13
N ILE A 63 1.19 -2.79 -12.13
CA ILE A 63 0.22 -3.86 -11.96
C ILE A 63 0.20 -4.73 -13.22
N ILE A 64 0.06 -4.05 -14.36
CA ILE A 64 0.16 -4.67 -15.67
C ILE A 64 1.43 -5.52 -15.73
N ASN A 65 2.54 -4.89 -15.35
CA ASN A 65 3.85 -5.51 -15.46
C ASN A 65 3.89 -6.78 -14.61
N GLU A 66 3.26 -6.76 -13.43
CA GLU A 66 3.22 -7.89 -12.51
C GLU A 66 2.57 -9.12 -13.16
N ILE A 67 1.37 -8.91 -13.69
CA ILE A 67 0.63 -9.97 -14.31
C ILE A 67 1.40 -10.45 -15.53
N LEU A 68 1.95 -9.53 -16.33
CA LEU A 68 2.55 -9.88 -17.61
C LEU A 68 3.80 -10.72 -17.34
N VAL A 69 4.61 -10.31 -16.34
CA VAL A 69 5.83 -11.03 -16.02
C VAL A 69 5.48 -12.40 -15.47
N MET A 70 4.41 -12.47 -14.67
CA MET A 70 4.06 -13.73 -14.08
C MET A 70 3.63 -14.73 -15.16
N ARG A 71 2.78 -14.30 -16.10
CA ARG A 71 2.27 -15.25 -17.09
C ARG A 71 3.40 -15.66 -18.04
N GLU A 72 4.39 -14.80 -18.26
CA GLU A 72 5.43 -15.07 -19.24
C GLU A 72 6.61 -15.87 -18.69
N ASN A 73 6.67 -16.10 -17.38
CA ASN A 73 7.86 -16.72 -16.79
C ASN A 73 7.48 -17.84 -15.83
N LYS A 74 6.90 -18.91 -16.41
CA LYS A 74 6.44 -20.07 -15.68
C LYS A 74 7.61 -20.99 -15.41
N ASN A 75 7.61 -21.57 -14.20
CA ASN A 75 8.73 -22.34 -13.69
C ASN A 75 8.25 -23.09 -12.46
N PRO A 76 8.74 -24.32 -12.20
CA PRO A 76 8.43 -25.06 -10.97
C PRO A 76 8.71 -24.39 -9.62
N ASN A 77 9.71 -23.47 -9.58
CA ASN A 77 10.05 -22.78 -8.34
C ASN A 77 9.42 -21.39 -8.31
N ILE A 78 8.37 -21.15 -9.14
CA ILE A 78 7.60 -19.92 -9.14
C ILE A 78 6.12 -20.25 -8.95
N VAL A 79 5.46 -19.56 -8.02
CA VAL A 79 4.04 -19.77 -7.83
C VAL A 79 3.27 -19.48 -9.13
N ASN A 80 2.37 -20.38 -9.55
CA ASN A 80 1.62 -20.27 -10.81
C ASN A 80 0.51 -19.21 -10.77
N TYR A 81 0.49 -18.32 -11.77
CA TYR A 81 -0.62 -17.39 -12.03
C TYR A 81 -1.76 -18.16 -12.69
N LEU A 82 -3.03 -17.98 -12.21
CA LEU A 82 -4.19 -18.63 -12.81
C LEU A 82 -5.11 -17.67 -13.56
N ASP A 83 -5.39 -16.46 -13.01
CA ASP A 83 -6.42 -15.62 -13.58
C ASP A 83 -6.47 -14.29 -12.81
N SER A 84 -7.29 -13.36 -13.31
CA SER A 84 -7.43 -12.06 -12.68
C SER A 84 -8.77 -11.44 -13.07
N TYR A 85 -9.33 -10.65 -12.15
CA TYR A 85 -10.62 -10.01 -12.28
C TYR A 85 -10.51 -8.57 -11.77
N LEU A 86 -11.36 -7.66 -12.29
CA LEU A 86 -11.54 -6.33 -11.73
C LEU A 86 -12.89 -6.32 -11.02
N VAL A 87 -12.87 -6.14 -9.70
CA VAL A 87 -14.08 -6.01 -8.90
C VAL A 87 -14.10 -4.58 -8.35
N GLY A 88 -14.87 -3.72 -9.01
CA GLY A 88 -14.84 -2.28 -8.75
C GLY A 88 -13.42 -1.72 -8.80
N ASP A 89 -12.96 -1.19 -7.65
CA ASP A 89 -11.69 -0.51 -7.58
C ASP A 89 -10.57 -1.47 -7.18
N GLU A 90 -10.87 -2.79 -7.08
CA GLU A 90 -9.84 -3.76 -6.71
C GLU A 90 -9.56 -4.74 -7.86
N LEU A 91 -8.29 -5.12 -7.98
CA LEU A 91 -7.87 -6.19 -8.86
C LEU A 91 -7.70 -7.49 -8.05
N TRP A 92 -8.31 -8.59 -8.53
CA TRP A 92 -8.11 -9.89 -7.92
C TRP A 92 -7.19 -10.75 -8.77
N VAL A 93 -6.09 -11.23 -8.17
CA VAL A 93 -5.16 -12.12 -8.85
C VAL A 93 -5.29 -13.50 -8.23
N VAL A 94 -5.66 -14.49 -9.06
CA VAL A 94 -5.87 -15.87 -8.64
C VAL A 94 -4.62 -16.68 -8.96
N MET A 95 -4.11 -17.36 -7.92
CA MET A 95 -2.83 -18.08 -7.97
C MET A 95 -3.02 -19.47 -7.38
N GLU A 96 -2.08 -20.35 -7.71
CA GLU A 96 -2.01 -21.68 -7.11
C GLU A 96 -1.82 -21.55 -5.59
N TYR A 97 -2.48 -22.42 -4.81
CA TYR A 97 -2.41 -22.37 -3.34
C TYR A 97 -1.35 -23.34 -2.83
N LEU A 98 -0.38 -22.81 -2.04
CA LEU A 98 0.58 -23.66 -1.38
C LEU A 98 0.24 -23.74 0.11
N ALA A 99 -0.16 -24.94 0.55
CA ALA A 99 -0.72 -25.15 1.87
C ALA A 99 0.34 -25.18 2.98
N GLY A 100 1.64 -25.25 2.65
CA GLY A 100 2.65 -25.17 3.71
C GLY A 100 2.91 -23.75 4.24
N GLY A 101 2.46 -22.72 3.54
CA GLY A 101 2.55 -21.37 4.07
C GLY A 101 3.92 -20.73 3.83
N SER A 102 4.20 -19.69 4.61
CA SER A 102 5.26 -18.77 4.25
CA SER A 102 5.25 -18.73 4.32
C SER A 102 6.56 -19.19 4.95
N LEU A 103 7.69 -18.94 4.31
CA LEU A 103 8.95 -19.13 4.99
C LEU A 103 9.06 -18.20 6.20
N THR A 104 8.39 -17.02 6.17
CA THR A 104 8.38 -16.11 7.31
C THR A 104 7.96 -16.83 8.58
N ASP A 105 6.87 -17.57 8.55
CA ASP A 105 6.44 -18.33 9.73
C ASP A 105 7.47 -19.36 10.18
N VAL A 106 8.13 -20.02 9.22
CA VAL A 106 9.17 -20.96 9.58
C VAL A 106 10.33 -20.24 10.26
N VAL A 107 10.79 -19.11 9.73
CA VAL A 107 12.00 -18.52 10.27
C VAL A 107 11.70 -17.86 11.61
N THR A 108 10.46 -17.43 11.86
CA THR A 108 10.17 -16.77 13.12
C THR A 108 9.81 -17.77 14.22
N GLU A 109 9.42 -19.01 13.89
CA GLU A 109 8.91 -19.94 14.90
C GLU A 109 9.75 -21.22 15.08
N THR A 110 10.85 -21.37 14.33
CA THR A 110 11.62 -22.59 14.29
C THR A 110 13.09 -22.23 14.13
N CYS A 111 13.95 -23.21 14.43
CA CYS A 111 15.39 -23.15 14.22
CA CYS A 111 15.38 -23.14 14.19
C CYS A 111 15.76 -24.15 13.12
N MET A 112 16.05 -23.65 11.92
CA MET A 112 16.42 -24.48 10.79
C MET A 112 17.87 -24.93 10.96
N ASP A 113 18.19 -26.14 10.49
CA ASP A 113 19.59 -26.58 10.47
C ASP A 113 20.21 -26.21 9.12
N GLU A 114 21.53 -26.31 9.03
CA GLU A 114 22.25 -25.89 7.84
C GLU A 114 21.77 -26.65 6.61
N GLY A 115 21.53 -27.96 6.74
CA GLY A 115 21.04 -28.77 5.63
C GLY A 115 19.68 -28.31 5.09
N GLN A 116 18.78 -27.85 5.98
CA GLN A 116 17.48 -27.33 5.56
C GLN A 116 17.63 -25.95 4.90
N ILE A 117 18.47 -25.10 5.48
CA ILE A 117 18.79 -23.81 4.90
C ILE A 117 19.37 -24.01 3.49
N ALA A 118 20.31 -24.95 3.34
CA ALA A 118 20.91 -25.19 2.04
C ALA A 118 19.83 -25.60 1.03
N ALA A 119 18.86 -26.39 1.49
CA ALA A 119 17.83 -26.87 0.58
C ALA A 119 16.97 -25.71 0.08
N VAL A 120 16.61 -24.79 0.99
CA VAL A 120 15.78 -23.67 0.61
C VAL A 120 16.58 -22.77 -0.32
N CYS A 121 17.86 -22.50 0.00
CA CYS A 121 18.67 -21.61 -0.82
C CYS A 121 18.81 -22.16 -2.25
N ARG A 122 19.04 -23.48 -2.37
CA ARG A 122 19.15 -24.09 -3.68
C ARG A 122 17.87 -23.90 -4.49
N GLU A 123 16.66 -24.05 -3.93
CA GLU A 123 15.44 -23.89 -4.71
C GLU A 123 15.24 -22.43 -5.14
N CYS A 124 15.58 -21.50 -4.25
CA CYS A 124 15.51 -20.07 -4.51
C CYS A 124 16.46 -19.66 -5.62
N LEU A 125 17.71 -20.13 -5.55
CA LEU A 125 18.69 -19.90 -6.60
C LEU A 125 18.26 -20.45 -7.95
N GLN A 126 17.55 -21.59 -7.96
CA GLN A 126 17.01 -22.11 -9.21
C GLN A 126 16.01 -21.11 -9.82
N ALA A 127 15.08 -20.59 -8.99
CA ALA A 127 14.14 -19.58 -9.46
C ALA A 127 14.87 -18.38 -10.01
N LEU A 128 15.86 -17.87 -9.26
CA LEU A 128 16.61 -16.69 -9.67
C LEU A 128 17.39 -16.97 -10.96
N GLU A 129 17.94 -18.17 -11.12
CA GLU A 129 18.74 -18.47 -12.30
C GLU A 129 17.86 -18.39 -13.55
N PHE A 130 16.64 -18.90 -13.42
CA PHE A 130 15.61 -18.85 -14.45
C PHE A 130 15.25 -17.39 -14.78
N LEU A 131 14.86 -16.65 -13.74
CA LEU A 131 14.52 -15.26 -13.99
C LEU A 131 15.63 -14.45 -14.65
N HIS A 132 16.85 -14.55 -14.11
CA HIS A 132 17.97 -13.77 -14.58
C HIS A 132 18.32 -14.15 -16.02
N SER A 133 18.16 -15.42 -16.37
CA SER A 133 18.41 -15.89 -17.73
C SER A 133 17.38 -15.31 -18.69
N ASN A 134 16.19 -14.96 -18.18
CA ASN A 134 15.12 -14.32 -18.92
C ASN A 134 15.14 -12.81 -18.75
N GLN A 135 16.25 -12.25 -18.25
CA GLN A 135 16.38 -10.82 -18.14
C GLN A 135 15.31 -10.24 -17.22
N VAL A 136 14.93 -10.96 -16.17
CA VAL A 136 14.01 -10.44 -15.16
C VAL A 136 14.76 -10.31 -13.84
N ILE A 137 14.68 -9.13 -13.18
CA ILE A 137 15.20 -8.94 -11.83
C ILE A 137 14.01 -8.81 -10.87
N HIS A 138 14.01 -9.61 -9.78
CA HIS A 138 12.87 -9.66 -8.91
C HIS A 138 12.74 -8.37 -8.09
N ARG A 139 13.82 -8.03 -7.38
CA ARG A 139 13.97 -6.82 -6.58
C ARG A 139 13.24 -6.89 -5.23
N ASN A 140 12.47 -7.94 -4.91
CA ASN A 140 11.77 -7.97 -3.64
C ASN A 140 11.87 -9.37 -3.01
N ILE A 141 13.05 -9.99 -3.09
CA ILE A 141 13.31 -11.27 -2.42
C ILE A 141 13.33 -11.05 -0.91
N LYS A 142 12.57 -11.90 -0.24
CA LYS A 142 12.47 -11.97 1.21
C LYS A 142 11.65 -13.20 1.58
N SER A 143 11.81 -13.64 2.85
CA SER A 143 11.10 -14.83 3.36
C SER A 143 9.59 -14.72 3.12
N ASP A 144 9.02 -13.50 3.20
CA ASP A 144 7.59 -13.26 3.01
C ASP A 144 7.09 -13.72 1.64
N ASN A 145 8.00 -13.81 0.65
CA ASN A 145 7.69 -14.06 -0.74
C ASN A 145 8.15 -15.45 -1.16
N ILE A 146 8.43 -16.33 -0.18
CA ILE A 146 8.70 -17.73 -0.40
C ILE A 146 7.56 -18.53 0.22
N LEU A 147 6.95 -19.40 -0.59
CA LEU A 147 5.86 -20.25 -0.15
C LEU A 147 6.30 -21.71 -0.21
N LEU A 148 5.78 -22.49 0.74
CA LEU A 148 6.11 -23.90 0.88
C LEU A 148 4.91 -24.81 0.59
N GLY A 149 5.17 -25.87 -0.17
CA GLY A 149 4.16 -26.89 -0.39
C GLY A 149 4.24 -27.93 0.72
N MET A 150 3.16 -28.72 0.89
CA MET A 150 3.09 -29.76 1.92
C MET A 150 4.08 -30.88 1.61
N ASP A 151 4.60 -30.95 0.38
CA ASP A 151 5.64 -31.90 0.06
C ASP A 151 7.04 -31.32 0.29
N GLY A 152 7.14 -30.04 0.70
CA GLY A 152 8.44 -29.40 0.88
C GLY A 152 8.88 -28.57 -0.33
N SER A 153 8.05 -28.51 -1.38
CA SER A 153 8.24 -27.64 -2.52
C SER A 153 8.48 -26.20 -2.03
N VAL A 154 9.31 -25.47 -2.75
CA VAL A 154 9.71 -24.10 -2.43
C VAL A 154 9.52 -23.25 -3.66
N LYS A 155 8.72 -22.19 -3.54
CA LYS A 155 8.38 -21.37 -4.70
C LYS A 155 8.39 -19.89 -4.34
N LEU A 156 8.83 -19.08 -5.29
CA LEU A 156 8.87 -17.63 -5.21
C LEU A 156 7.58 -17.05 -5.75
N THR A 157 7.12 -15.95 -5.16
CA THR A 157 6.06 -15.12 -5.72
C THR A 157 6.37 -13.62 -5.65
N ASP A 158 5.38 -12.81 -6.04
CA ASP A 158 5.36 -11.35 -5.98
C ASP A 158 6.26 -10.72 -7.05
N PHE A 159 5.68 -10.46 -8.22
CA PHE A 159 6.34 -9.76 -9.31
C PHE A 159 5.95 -8.28 -9.33
N GLY A 160 5.45 -7.77 -8.20
CA GLY A 160 5.01 -6.39 -8.08
C GLY A 160 6.12 -5.34 -8.24
N PHE A 161 7.40 -5.75 -8.09
CA PHE A 161 8.53 -4.84 -8.01
CA PHE A 161 8.51 -4.82 -8.03
C PHE A 161 9.59 -5.17 -9.06
N CYS A 162 9.32 -6.17 -9.90
CA CYS A 162 10.33 -6.66 -10.82
C CYS A 162 10.61 -5.68 -11.97
N ALA A 163 11.73 -5.94 -12.66
CA ALA A 163 12.20 -5.14 -13.76
C ALA A 163 12.73 -6.06 -14.87
N GLN A 164 12.59 -5.61 -16.12
CA GLN A 164 13.14 -6.32 -17.26
C GLN A 164 14.34 -5.54 -17.74
N ILE A 165 15.42 -6.25 -18.08
CA ILE A 165 16.60 -5.60 -18.62
C ILE A 165 16.80 -6.07 -20.05
N THR A 166 17.64 -5.34 -20.80
CA THR A 166 17.94 -5.68 -22.18
C THR A 166 19.45 -5.58 -22.36
N PRO A 167 20.01 -6.00 -23.51
CA PRO A 167 21.39 -5.63 -23.83
C PRO A 167 21.61 -4.12 -23.98
N GLU A 168 20.58 -3.40 -24.45
CA GLU A 168 20.65 -1.95 -24.62
C GLU A 168 20.62 -1.24 -23.27
N GLN A 169 19.78 -1.73 -22.34
CA GLN A 169 19.61 -1.14 -21.01
C GLN A 169 19.76 -2.26 -19.97
N SER A 170 21.01 -2.64 -19.69
CA SER A 170 21.29 -3.82 -18.87
C SER A 170 21.17 -3.49 -17.40
N LYS A 171 21.09 -2.20 -17.03
CA LYS A 171 21.08 -1.80 -15.62
C LYS A 171 19.81 -1.02 -15.30
N ARG A 172 19.36 -1.18 -14.07
CA ARG A 172 18.24 -0.40 -13.57
C ARG A 172 18.79 0.63 -12.59
N SER A 173 17.92 1.56 -12.20
CA SER A 173 18.31 2.69 -11.37
C SER A 173 17.20 3.14 -10.41
N GLU A 174 16.10 2.38 -10.30
CA GLU A 174 15.04 2.72 -9.35
C GLU A 174 15.39 2.21 -7.95
N MET A 175 15.10 3.03 -6.92
CA MET A 175 15.27 2.64 -5.52
C MET A 175 13.98 1.96 -5.08
N VAL A 176 13.92 0.65 -5.30
CA VAL A 176 12.71 -0.15 -5.11
C VAL A 176 13.11 -1.41 -4.36
N GLY A 177 12.20 -1.87 -3.50
CA GLY A 177 12.45 -3.04 -2.68
C GLY A 177 11.83 -2.85 -1.31
N THR A 178 12.23 -3.74 -0.40
CA THR A 178 11.89 -3.63 1.01
C THR A 178 13.20 -3.36 1.74
N PRO A 179 13.32 -2.22 2.44
CA PRO A 179 14.61 -1.71 2.92
C PRO A 179 15.60 -2.71 3.51
N TYR A 180 15.13 -3.55 4.45
CA TYR A 180 16.00 -4.44 5.22
C TYR A 180 16.70 -5.46 4.30
N TRP A 181 16.10 -5.74 3.15
CA TRP A 181 16.64 -6.71 2.19
C TRP A 181 17.37 -6.07 1.00
N MET A 182 17.48 -4.73 0.93
CA MET A 182 17.97 -4.10 -0.29
C MET A 182 19.49 -4.05 -0.32
N ALA A 183 20.05 -4.36 -1.51
CA ALA A 183 21.47 -4.25 -1.74
C ALA A 183 21.97 -2.81 -1.57
N PRO A 184 23.21 -2.61 -1.15
CA PRO A 184 23.77 -1.27 -1.00
C PRO A 184 23.80 -0.42 -2.27
N GLU A 185 24.04 -1.05 -3.45
CA GLU A 185 23.99 -0.31 -4.70
C GLU A 185 22.59 0.21 -5.00
N VAL A 186 21.54 -0.47 -4.52
CA VAL A 186 20.17 0.01 -4.71
C VAL A 186 19.89 1.16 -3.74
N VAL A 187 20.23 0.98 -2.45
CA VAL A 187 19.97 1.98 -1.42
C VAL A 187 20.66 3.30 -1.78
N THR A 188 21.92 3.23 -2.27
CA THR A 188 22.73 4.40 -2.59
C THR A 188 22.56 4.88 -4.04
N ARG A 189 21.57 4.34 -4.77
CA ARG A 189 21.13 4.83 -6.06
C ARG A 189 22.24 4.74 -7.13
N LYS A 190 23.01 3.68 -7.14
CA LYS A 190 23.95 3.39 -8.23
C LYS A 190 23.25 2.49 -9.25
N ALA A 191 23.82 2.38 -10.45
CA ALA A 191 23.23 1.51 -11.46
C ALA A 191 23.45 0.07 -10.99
N TYR A 192 22.43 -0.77 -11.14
CA TYR A 192 22.55 -2.10 -10.59
C TYR A 192 21.94 -3.11 -11.55
N GLY A 193 22.27 -4.37 -11.29
CA GLY A 193 21.83 -5.46 -12.13
C GLY A 193 21.21 -6.58 -11.33
N PRO A 194 21.10 -7.79 -11.93
CA PRO A 194 20.47 -8.91 -11.26
C PRO A 194 21.07 -9.37 -9.92
N LYS A 195 22.36 -9.09 -9.66
CA LYS A 195 22.96 -9.55 -8.42
C LYS A 195 22.37 -8.87 -7.18
N VAL A 196 21.47 -7.89 -7.37
CA VAL A 196 20.79 -7.31 -6.23
C VAL A 196 19.89 -8.37 -5.59
N ASP A 197 19.39 -9.30 -6.41
CA ASP A 197 18.57 -10.40 -5.92
C ASP A 197 19.41 -11.36 -5.07
N ILE A 198 20.67 -11.57 -5.45
CA ILE A 198 21.57 -12.42 -4.70
C ILE A 198 21.83 -11.84 -3.30
N TRP A 199 22.09 -10.53 -3.24
CA TRP A 199 22.18 -9.86 -1.96
C TRP A 199 20.97 -10.16 -1.08
N SER A 200 19.76 -9.88 -1.61
CA SER A 200 18.53 -10.09 -0.86
C SER A 200 18.40 -11.56 -0.41
N LEU A 201 18.84 -12.52 -1.24
CA LEU A 201 18.86 -13.92 -0.83
C LEU A 201 19.82 -14.12 0.35
N GLY A 202 21.00 -13.50 0.32
CA GLY A 202 21.90 -13.52 1.47
C GLY A 202 21.21 -13.02 2.74
N ILE A 203 20.45 -11.93 2.62
CA ILE A 203 19.72 -11.41 3.79
C ILE A 203 18.67 -12.43 4.25
N MET A 204 17.97 -13.07 3.31
CA MET A 204 17.04 -14.13 3.64
C MET A 204 17.74 -15.29 4.35
N ALA A 205 19.01 -15.60 4.04
CA ALA A 205 19.71 -16.65 4.74
C ALA A 205 19.98 -16.23 6.19
N ILE A 206 20.24 -14.94 6.40
CA ILE A 206 20.38 -14.40 7.74
C ILE A 206 19.07 -14.51 8.49
N GLU A 207 17.92 -14.33 7.81
CA GLU A 207 16.65 -14.56 8.45
C GLU A 207 16.57 -15.99 8.99
N MET A 208 16.97 -16.95 8.15
CA MET A 208 16.88 -18.35 8.48
C MET A 208 17.84 -18.69 9.65
N ILE A 209 18.95 -17.98 9.78
CA ILE A 209 19.88 -18.17 10.88
C ILE A 209 19.35 -17.51 12.15
N GLU A 210 18.97 -16.23 12.07
CA GLU A 210 18.75 -15.38 13.24
C GLU A 210 17.28 -15.06 13.54
N GLY A 211 16.39 -15.27 12.56
CA GLY A 211 14.96 -15.05 12.74
C GLY A 211 14.47 -13.74 12.10
N GLU A 212 15.41 -12.84 11.76
CA GLU A 212 15.14 -11.51 11.28
C GLU A 212 16.23 -11.07 10.31
N PRO A 213 15.97 -10.15 9.36
CA PRO A 213 17.06 -9.49 8.65
C PRO A 213 17.70 -8.50 9.61
N PRO A 214 18.94 -8.06 9.31
CA PRO A 214 19.61 -7.05 10.14
C PRO A 214 18.77 -5.77 10.21
N TYR A 215 18.71 -5.19 11.41
CA TYR A 215 18.19 -3.84 11.62
C TYR A 215 16.66 -3.83 11.63
N LEU A 216 15.99 -4.98 11.78
CA LEU A 216 14.54 -5.05 11.68
C LEU A 216 13.92 -4.18 12.78
N ASN A 217 14.56 -4.07 13.94
CA ASN A 217 14.06 -3.24 15.04
C ASN A 217 14.04 -1.74 14.70
N GLU A 218 14.81 -1.31 13.68
CA GLU A 218 14.90 0.11 13.35
C GLU A 218 13.76 0.48 12.41
N ASN A 219 13.45 1.79 12.28
CA ASN A 219 12.50 2.20 11.27
C ASN A 219 13.19 2.10 9.91
N PRO A 220 12.39 1.94 8.84
CA PRO A 220 12.91 1.65 7.49
C PRO A 220 13.96 2.63 6.98
N LEU A 221 13.76 3.94 7.21
CA LEU A 221 14.69 4.98 6.81
C LEU A 221 16.03 4.83 7.52
N ARG A 222 16.00 4.53 8.82
CA ARG A 222 17.20 4.25 9.58
C ARG A 222 17.90 3.00 9.03
N ALA A 223 17.13 1.97 8.67
CA ALA A 223 17.75 0.76 8.13
C ALA A 223 18.50 1.05 6.83
N LEU A 224 17.92 1.89 5.96
CA LEU A 224 18.58 2.32 4.72
C LEU A 224 19.91 3.01 5.00
N TYR A 225 19.90 3.95 5.96
CA TYR A 225 21.12 4.58 6.41
C TYR A 225 22.14 3.54 6.92
N LEU A 226 21.74 2.58 7.73
CA LEU A 226 22.69 1.56 8.20
C LEU A 226 23.27 0.74 7.04
N ILE A 227 22.43 0.39 6.04
CA ILE A 227 22.92 -0.39 4.91
C ILE A 227 23.94 0.44 4.12
N ALA A 228 23.62 1.71 3.91
CA ALA A 228 24.51 2.61 3.20
C ALA A 228 25.88 2.70 3.88
N THR A 229 25.94 2.71 5.22
CA THR A 229 27.20 2.93 5.94
C THR A 229 27.94 1.65 6.37
N ASN A 230 27.24 0.53 6.56
CA ASN A 230 27.89 -0.68 7.07
C ASN A 230 28.32 -1.56 5.89
N GLY A 231 27.54 -1.55 4.80
CA GLY A 231 27.73 -2.53 3.75
C GLY A 231 27.35 -3.93 4.20
N THR A 232 28.30 -4.89 4.09
CA THR A 232 28.06 -6.30 4.37
C THR A 232 27.73 -6.40 5.85
N PRO A 233 26.57 -6.93 6.26
CA PRO A 233 26.17 -6.88 7.67
C PRO A 233 26.91 -7.93 8.48
N GLU A 234 26.94 -7.77 9.81
CA GLU A 234 27.56 -8.71 10.71
C GLU A 234 26.48 -9.57 11.35
N LEU A 235 26.80 -10.85 11.58
CA LEU A 235 25.97 -11.77 12.33
C LEU A 235 26.22 -11.60 13.82
N GLN A 236 25.22 -11.93 14.63
CA GLN A 236 25.32 -11.80 16.08
C GLN A 236 26.34 -12.81 16.59
N ASN A 237 26.38 -13.99 15.96
CA ASN A 237 27.19 -15.10 16.43
C ASN A 237 27.77 -15.87 15.24
N PRO A 238 28.71 -15.28 14.45
CA PRO A 238 29.25 -15.95 13.27
C PRO A 238 29.86 -17.32 13.54
N GLU A 239 30.39 -17.47 14.76
CA GLU A 239 31.17 -18.64 15.16
C GLU A 239 30.29 -19.90 15.18
N LYS A 240 28.97 -19.77 15.32
CA LYS A 240 28.08 -20.93 15.31
C LYS A 240 27.85 -21.52 13.91
N LEU A 241 28.31 -20.85 12.85
CA LEU A 241 28.10 -21.36 11.49
C LEU A 241 29.33 -22.15 11.07
N SER A 242 29.14 -23.14 10.17
CA SER A 242 30.24 -23.78 9.47
C SER A 242 30.97 -22.75 8.60
N ALA A 243 32.26 -23.03 8.38
CA ALA A 243 33.08 -22.25 7.46
C ALA A 243 32.43 -22.17 6.08
N ILE A 244 31.90 -23.29 5.55
CA ILE A 244 31.35 -23.29 4.19
C ILE A 244 30.08 -22.43 4.10
N PHE A 245 29.28 -22.41 5.16
CA PHE A 245 28.07 -21.58 5.22
C PHE A 245 28.49 -20.11 5.29
N ARG A 246 29.50 -19.81 6.11
CA ARG A 246 30.03 -18.46 6.16
C ARG A 246 30.54 -18.04 4.80
N ASP A 247 31.26 -18.93 4.09
CA ASP A 247 31.75 -18.61 2.76
C ASP A 247 30.59 -18.27 1.81
N PHE A 248 29.54 -19.08 1.84
CA PHE A 248 28.35 -18.80 1.03
C PHE A 248 27.74 -17.43 1.31
N LEU A 249 27.53 -17.11 2.60
CA LEU A 249 27.02 -15.81 3.01
C LEU A 249 27.88 -14.68 2.45
N ASN A 250 29.19 -14.83 2.57
CA ASN A 250 30.14 -13.82 2.14
C ASN A 250 30.06 -13.60 0.64
N ARG A 251 29.76 -14.65 -0.14
CA ARG A 251 29.71 -14.55 -1.58
C ARG A 251 28.39 -13.91 -2.00
N CYS A 252 27.32 -14.12 -1.23
CA CYS A 252 26.04 -13.48 -1.49
C CYS A 252 26.06 -11.99 -1.14
N LEU A 253 26.82 -11.63 -0.11
CA LEU A 253 26.79 -10.31 0.51
C LEU A 253 28.09 -9.54 0.29
N GLU A 254 28.83 -9.88 -0.77
CA GLU A 254 29.97 -9.12 -1.23
C GLU A 254 29.56 -7.71 -1.70
N MET A 255 30.33 -6.71 -1.26
CA MET A 255 30.12 -5.33 -1.65
C MET A 255 30.47 -5.09 -3.13
N ASP A 256 31.55 -5.72 -3.61
CA ASP A 256 31.98 -5.65 -5.00
C ASP A 256 31.07 -6.53 -5.87
N VAL A 257 30.31 -5.90 -6.76
CA VAL A 257 29.29 -6.61 -7.52
C VAL A 257 29.94 -7.64 -8.46
N GLU A 258 31.08 -7.30 -9.05
CA GLU A 258 31.80 -8.24 -9.91
C GLU A 258 32.15 -9.51 -9.12
N LYS A 259 32.50 -9.36 -7.83
CA LYS A 259 32.90 -10.46 -6.97
C LYS A 259 31.70 -11.25 -6.41
N ARG A 260 30.59 -10.54 -6.17
CA ARG A 260 29.38 -11.18 -5.67
C ARG A 260 28.96 -12.30 -6.63
N GLY A 261 28.52 -13.43 -6.06
CA GLY A 261 28.12 -14.57 -6.87
C GLY A 261 26.92 -14.25 -7.75
N SER A 262 26.91 -14.86 -8.95
CA SER A 262 25.69 -14.97 -9.75
C SER A 262 24.90 -16.15 -9.23
N ALA A 263 23.63 -16.29 -9.64
CA ALA A 263 22.83 -17.43 -9.25
C ALA A 263 23.44 -18.72 -9.83
N LYS A 264 23.83 -18.70 -11.09
CA LYS A 264 24.44 -19.87 -11.73
C LYS A 264 25.67 -20.33 -10.94
N GLU A 265 26.56 -19.41 -10.52
CA GLU A 265 27.75 -19.74 -9.74
C GLU A 265 27.40 -20.26 -8.35
N LEU A 266 26.43 -19.62 -7.69
CA LEU A 266 26.08 -19.98 -6.31
C LEU A 266 25.41 -21.35 -6.22
N LEU A 267 24.76 -21.79 -7.33
CA LEU A 267 24.21 -23.14 -7.42
C LEU A 267 25.32 -24.20 -7.37
N GLN A 268 26.59 -23.81 -7.60
CA GLN A 268 27.71 -24.75 -7.56
C GLN A 268 28.63 -24.46 -6.37
N HIS A 269 28.11 -23.75 -5.36
CA HIS A 269 28.88 -23.37 -4.18
C HIS A 269 28.95 -24.59 -3.29
N GLN A 270 30.08 -24.77 -2.63
CA GLN A 270 30.27 -25.93 -1.78
C GLN A 270 29.15 -26.13 -0.74
N PHE A 271 28.60 -25.05 -0.18
CA PHE A 271 27.56 -25.11 0.86
C PHE A 271 26.37 -25.95 0.38
N LEU A 272 26.05 -25.93 -0.90
CA LEU A 272 24.87 -26.64 -1.35
C LEU A 272 25.10 -28.16 -1.35
N LYS A 273 26.32 -28.62 -1.13
CA LYS A 273 26.57 -30.05 -1.03
C LYS A 273 25.87 -30.67 0.16
N ILE A 274 25.53 -29.88 1.19
CA ILE A 274 24.87 -30.48 2.35
C ILE A 274 23.36 -30.31 2.29
N ALA A 275 22.80 -29.81 1.19
CA ALA A 275 21.37 -29.64 1.15
C ALA A 275 20.70 -30.99 1.41
N LYS A 276 19.65 -30.94 2.24
CA LYS A 276 18.83 -32.10 2.50
C LYS A 276 17.74 -32.19 1.45
N PRO A 277 17.11 -33.38 1.29
CA PRO A 277 15.91 -33.50 0.47
C PRO A 277 14.82 -32.58 1.01
N LEU A 278 13.92 -32.17 0.14
CA LEU A 278 12.84 -31.24 0.49
C LEU A 278 11.88 -31.83 1.53
N SER A 279 11.77 -33.17 1.62
CA SER A 279 10.97 -33.77 2.68
C SER A 279 11.47 -33.33 4.04
N SER A 280 12.73 -32.87 4.15
CA SER A 280 13.27 -32.41 5.42
C SER A 280 12.59 -31.13 5.88
N LEU A 281 11.82 -30.47 5.00
CA LEU A 281 11.20 -29.20 5.35
C LEU A 281 9.82 -29.44 5.95
N THR A 282 9.24 -30.62 5.79
CA THR A 282 7.85 -30.80 6.20
C THR A 282 7.71 -30.69 7.73
N PRO A 283 8.68 -31.12 8.57
CA PRO A 283 8.59 -30.86 10.01
C PRO A 283 8.58 -29.39 10.45
N LEU A 284 9.29 -28.54 9.69
CA LEU A 284 9.31 -27.10 9.92
C LEU A 284 7.93 -26.52 9.66
N ILE A 285 7.31 -26.98 8.58
CA ILE A 285 5.95 -26.59 8.21
C ILE A 285 4.99 -26.96 9.34
N ALA A 286 5.12 -28.21 9.82
CA ALA A 286 4.24 -28.66 10.89
C ALA A 286 4.41 -27.79 12.14
N ALA A 287 5.66 -27.49 12.50
CA ALA A 287 5.99 -26.64 13.65
C ALA A 287 5.43 -25.22 13.49
N ALA A 288 5.64 -24.62 12.32
CA ALA A 288 5.18 -23.26 12.05
C ALA A 288 3.66 -23.17 12.14
N LYS A 289 2.96 -24.15 11.58
CA LYS A 289 1.50 -24.20 11.65
C LYS A 289 1.01 -24.39 13.09
N GLU A 290 1.72 -25.20 13.88
CA GLU A 290 1.37 -25.38 15.27
C GLU A 290 1.55 -24.07 16.04
N ALA A 291 2.64 -23.37 15.77
CA ALA A 291 3.00 -22.16 16.48
C ALA A 291 2.02 -21.03 16.17
N THR A 292 1.44 -21.01 14.96
CA THR A 292 0.66 -19.86 14.52
C THR A 292 -0.84 -20.19 14.48
N LYS A 293 -1.24 -21.35 15.00
CA LYS A 293 -2.61 -21.79 14.83
C LYS A 293 -3.59 -20.85 15.55
N ASN A 294 -3.15 -20.25 16.67
CA ASN A 294 -4.05 -19.57 17.59
C ASN A 294 -3.82 -18.06 17.60
N ASN A 295 -3.33 -17.49 16.50
CA ASN A 295 -3.00 -16.07 16.47
C ASN A 295 -4.30 -15.23 16.51
N ILE B 4 -21.34 -8.22 19.38
CA ILE B 4 -20.84 -8.05 17.98
C ILE B 4 -22.00 -7.63 17.08
N LEU B 5 -22.85 -8.59 16.69
CA LEU B 5 -24.13 -8.32 16.06
C LEU B 5 -25.11 -7.74 17.09
N GLU B 6 -24.94 -8.14 18.36
CA GLU B 6 -25.75 -7.61 19.46
C GLU B 6 -25.42 -6.14 19.71
N LYS B 7 -24.12 -5.79 19.67
CA LYS B 7 -23.64 -4.45 19.96
C LYS B 7 -24.05 -3.47 18.85
N LEU B 8 -24.21 -3.98 17.61
CA LEU B 8 -24.66 -3.17 16.49
C LEU B 8 -26.08 -2.69 16.73
N ARG B 9 -26.95 -3.60 17.20
CA ARG B 9 -28.37 -3.32 17.43
C ARG B 9 -28.51 -2.12 18.38
N SER B 10 -27.46 -1.84 19.16
CA SER B 10 -27.41 -0.65 19.99
C SER B 10 -27.60 0.62 19.15
N ILE B 11 -26.80 0.76 18.08
CA ILE B 11 -26.67 2.00 17.32
C ILE B 11 -27.72 2.09 16.22
N VAL B 12 -27.96 0.97 15.52
CA VAL B 12 -28.69 1.01 14.26
C VAL B 12 -30.15 1.37 14.48
N SER B 13 -30.77 1.94 13.45
CA SER B 13 -32.20 2.21 13.46
C SER B 13 -32.95 1.00 12.93
N VAL B 14 -34.28 0.99 13.17
CA VAL B 14 -35.19 -0.02 12.66
C VAL B 14 -35.98 0.61 11.51
N GLY B 15 -36.26 -0.19 10.48
CA GLY B 15 -36.95 0.27 9.27
C GLY B 15 -36.37 -0.42 8.05
N ASP B 16 -36.96 -0.17 6.89
CA ASP B 16 -36.56 -0.84 5.65
C ASP B 16 -35.94 0.19 4.70
N PRO B 17 -34.58 0.29 4.67
CA PRO B 17 -33.90 1.17 3.72
C PRO B 17 -34.15 0.88 2.24
N LYS B 18 -34.69 -0.32 1.92
CA LYS B 18 -35.12 -0.62 0.55
C LYS B 18 -36.42 0.11 0.20
N LYS B 19 -37.16 0.60 1.20
CA LYS B 19 -38.42 1.30 0.97
C LYS B 19 -38.21 2.82 1.05
N LYS B 20 -37.27 3.29 1.88
CA LYS B 20 -37.05 4.72 2.05
C LYS B 20 -36.33 5.31 0.83
N TYR B 21 -35.53 4.50 0.15
CA TYR B 21 -34.61 4.97 -0.88
C TYR B 21 -34.85 4.19 -2.17
N THR B 22 -34.36 4.75 -3.29
CA THR B 22 -34.63 4.20 -4.61
C THR B 22 -33.48 4.50 -5.57
N ARG B 23 -33.67 4.09 -6.83
CA ARG B 23 -32.72 4.37 -7.90
C ARG B 23 -31.30 4.15 -7.38
N PHE B 24 -31.04 2.95 -6.86
CA PHE B 24 -29.74 2.58 -6.34
C PHE B 24 -28.76 2.55 -7.51
N GLU B 25 -27.81 3.46 -7.48
CA GLU B 25 -26.75 3.45 -8.48
C GLU B 25 -25.45 3.24 -7.72
N LYS B 26 -24.75 2.14 -8.05
CA LYS B 26 -23.41 1.91 -7.54
C LYS B 26 -22.49 3.00 -8.06
N ILE B 27 -21.67 3.56 -7.16
CA ILE B 27 -20.74 4.62 -7.52
C ILE B 27 -19.32 4.27 -7.04
N GLY B 28 -19.16 3.18 -6.28
CA GLY B 28 -17.84 2.84 -5.78
C GLY B 28 -17.84 1.49 -5.06
N GLN B 29 -16.66 0.86 -4.97
CA GLN B 29 -16.55 -0.47 -4.39
C GLN B 29 -15.09 -0.80 -4.07
N GLY B 30 -14.82 -1.04 -2.77
CA GLY B 30 -13.52 -1.51 -2.30
C GLY B 30 -13.67 -2.73 -1.40
N ALA B 31 -12.70 -2.92 -0.49
CA ALA B 31 -12.75 -3.99 0.51
C ALA B 31 -13.72 -3.61 1.62
N SER B 32 -13.50 -2.42 2.19
CA SER B 32 -14.31 -1.88 3.28
C SER B 32 -15.80 -1.94 2.93
N GLY B 33 -16.16 -1.74 1.66
CA GLY B 33 -17.51 -2.06 1.22
C GLY B 33 -17.86 -1.45 -0.14
N THR B 34 -19.15 -1.53 -0.48
CA THR B 34 -19.72 -0.99 -1.71
C THR B 34 -20.56 0.24 -1.38
N VAL B 35 -20.41 1.29 -2.20
CA VAL B 35 -21.17 2.53 -2.02
C VAL B 35 -22.18 2.63 -3.15
N TYR B 36 -23.42 2.95 -2.78
CA TYR B 36 -24.47 3.27 -3.71
C TYR B 36 -24.89 4.72 -3.49
N THR B 37 -25.27 5.41 -4.57
CA THR B 37 -26.14 6.55 -4.42
C THR B 37 -27.54 5.98 -4.48
N ALA B 38 -28.38 6.63 -3.72
CA ALA B 38 -29.78 6.34 -3.75
C ALA B 38 -30.42 7.66 -3.42
N MET B 39 -31.72 7.73 -3.62
CA MET B 39 -32.43 8.97 -3.39
C MET B 39 -33.56 8.65 -2.44
N ASP B 40 -33.79 9.56 -1.48
CA ASP B 40 -34.88 9.45 -0.53
C ASP B 40 -36.19 9.64 -1.29
N VAL B 41 -37.10 8.67 -1.18
CA VAL B 41 -38.32 8.66 -1.98
C VAL B 41 -39.27 9.77 -1.52
N ALA B 42 -39.13 10.23 -0.26
CA ALA B 42 -40.00 11.25 0.30
C ALA B 42 -39.49 12.66 0.00
N THR B 43 -38.18 12.91 0.15
CA THR B 43 -37.68 14.28 0.12
C THR B 43 -36.83 14.57 -1.11
N GLY B 44 -36.38 13.52 -1.81
CA GLY B 44 -35.59 13.71 -3.02
C GLY B 44 -34.14 13.98 -2.69
N GLN B 45 -33.83 14.20 -1.40
CA GLN B 45 -32.44 14.21 -0.93
C GLN B 45 -31.71 12.99 -1.48
N GLU B 46 -30.52 13.22 -2.04
CA GLU B 46 -29.66 12.12 -2.43
C GLU B 46 -28.79 11.76 -1.24
N VAL B 47 -28.55 10.45 -1.10
CA VAL B 47 -27.76 9.90 -0.01
C VAL B 47 -26.74 8.96 -0.64
N ALA B 48 -25.63 8.78 0.09
CA ALA B 48 -24.67 7.73 -0.13
C ALA B 48 -24.93 6.63 0.89
N ILE B 49 -24.98 5.39 0.41
CA ILE B 49 -25.18 4.24 1.26
C ILE B 49 -24.02 3.29 1.07
N LYS B 50 -23.25 3.11 2.13
CA LYS B 50 -22.16 2.16 2.16
C LYS B 50 -22.66 0.86 2.77
N GLN B 51 -22.48 -0.23 2.02
CA GLN B 51 -22.90 -1.56 2.42
C GLN B 51 -21.66 -2.36 2.81
N MET B 52 -21.73 -3.04 3.96
CA MET B 52 -20.58 -3.78 4.49
C MET B 52 -21.05 -5.11 5.09
N ASN B 53 -20.42 -6.21 4.68
CA ASN B 53 -20.81 -7.54 5.18
C ASN B 53 -19.93 -7.92 6.37
N LEU B 54 -20.58 -8.49 7.40
CA LEU B 54 -19.93 -9.31 8.41
C LEU B 54 -19.60 -8.43 9.62
N LEU B 62 -13.69 -3.06 15.40
CA LEU B 62 -13.17 -1.95 14.56
C LEU B 62 -14.24 -1.43 13.59
N ILE B 63 -15.15 -2.31 13.12
CA ILE B 63 -16.24 -1.93 12.24
C ILE B 63 -17.18 -0.97 12.96
N ILE B 64 -17.63 -1.34 14.16
CA ILE B 64 -18.46 -0.47 14.98
C ILE B 64 -17.80 0.91 15.04
N ASN B 65 -16.54 0.95 15.48
CA ASN B 65 -15.92 2.20 15.91
C ASN B 65 -16.07 3.30 14.86
N GLU B 66 -15.90 2.98 13.57
CA GLU B 66 -15.96 4.03 12.58
C GLU B 66 -17.36 4.66 12.56
N ILE B 67 -18.38 3.84 12.83
CA ILE B 67 -19.78 4.30 12.83
C ILE B 67 -20.01 5.22 14.03
N LEU B 68 -19.58 4.76 15.19
CA LEU B 68 -19.68 5.54 16.41
C LEU B 68 -18.87 6.83 16.30
N VAL B 69 -17.70 6.82 15.66
CA VAL B 69 -16.96 8.03 15.40
C VAL B 69 -17.76 8.96 14.49
N MET B 70 -18.33 8.41 13.43
CA MET B 70 -19.04 9.25 12.47
C MET B 70 -20.23 9.89 13.18
N ARG B 71 -20.99 9.09 13.94
CA ARG B 71 -22.18 9.57 14.60
C ARG B 71 -21.82 10.67 15.59
N GLU B 72 -20.75 10.46 16.37
CA GLU B 72 -20.35 11.38 17.41
C GLU B 72 -19.78 12.69 16.86
N ASN B 73 -19.28 12.73 15.62
CA ASN B 73 -18.59 13.91 15.10
C ASN B 73 -19.43 14.62 14.03
N LYS B 74 -20.61 15.09 14.42
CA LYS B 74 -21.53 15.78 13.52
C LYS B 74 -21.06 17.23 13.40
N ASN B 75 -20.87 17.71 12.15
CA ASN B 75 -20.33 19.04 11.92
C ASN B 75 -20.60 19.47 10.46
N PRO B 76 -20.82 20.77 10.21
CA PRO B 76 -21.08 21.25 8.87
C PRO B 76 -19.95 20.93 7.87
N ASN B 77 -18.70 20.75 8.35
CA ASN B 77 -17.60 20.49 7.40
C ASN B 77 -17.16 19.03 7.32
N ILE B 78 -18.06 18.13 7.74
CA ILE B 78 -17.87 16.71 7.74
C ILE B 78 -19.03 16.10 6.94
N VAL B 79 -18.72 15.06 6.17
CA VAL B 79 -19.76 14.29 5.53
C VAL B 79 -20.52 13.56 6.63
N ASN B 80 -21.76 13.97 6.86
CA ASN B 80 -22.43 13.52 8.07
C ASN B 80 -23.17 12.20 7.89
N TYR B 81 -23.08 11.39 8.95
CA TYR B 81 -23.90 10.22 9.17
C TYR B 81 -25.38 10.57 9.31
N LEU B 82 -26.21 9.84 8.58
CA LEU B 82 -27.65 10.04 8.67
C LEU B 82 -28.29 8.94 9.48
N ASP B 83 -27.97 7.69 9.17
CA ASP B 83 -28.63 6.56 9.81
C ASP B 83 -27.86 5.30 9.47
N SER B 84 -28.17 4.19 10.15
CA SER B 84 -27.59 2.89 9.82
C SER B 84 -28.64 1.81 10.05
N TYR B 85 -28.46 0.68 9.34
CA TYR B 85 -29.40 -0.43 9.37
C TYR B 85 -28.64 -1.74 9.31
N LEU B 86 -29.18 -2.78 9.96
CA LEU B 86 -28.77 -4.15 9.68
C LEU B 86 -29.72 -4.72 8.63
N VAL B 87 -29.16 -5.10 7.48
CA VAL B 87 -29.95 -5.54 6.34
C VAL B 87 -29.41 -6.90 5.89
N GLY B 88 -30.10 -7.97 6.29
CA GLY B 88 -29.57 -9.32 6.12
C GLY B 88 -28.33 -9.51 7.00
N ASP B 89 -27.19 -9.81 6.36
CA ASP B 89 -25.91 -9.90 7.02
C ASP B 89 -25.15 -8.59 6.96
N GLU B 90 -25.64 -7.66 6.12
CA GLU B 90 -24.92 -6.44 5.83
C GLU B 90 -25.29 -5.35 6.84
N LEU B 91 -24.27 -4.53 7.15
CA LEU B 91 -24.48 -3.24 7.77
C LEU B 91 -24.52 -2.18 6.68
N TRP B 92 -25.59 -1.37 6.68
CA TRP B 92 -25.71 -0.23 5.79
C TRP B 92 -25.55 1.08 6.57
N VAL B 93 -24.65 1.95 6.09
CA VAL B 93 -24.49 3.27 6.67
C VAL B 93 -24.86 4.33 5.62
N VAL B 94 -25.79 5.19 6.03
CA VAL B 94 -26.36 6.17 5.13
C VAL B 94 -25.80 7.53 5.52
N MET B 95 -25.24 8.21 4.52
CA MET B 95 -24.57 9.48 4.68
C MET B 95 -25.15 10.48 3.67
N GLU B 96 -24.97 11.78 3.96
CA GLU B 96 -25.11 12.85 3.00
C GLU B 96 -24.35 12.49 1.72
N TYR B 97 -24.97 12.77 0.55
CA TYR B 97 -24.34 12.65 -0.76
C TYR B 97 -23.93 14.04 -1.26
N LEU B 98 -22.66 14.23 -1.62
CA LEU B 98 -22.23 15.52 -2.15
C LEU B 98 -22.03 15.36 -3.65
N ALA B 99 -22.94 15.95 -4.42
CA ALA B 99 -23.04 15.65 -5.84
C ALA B 99 -21.93 16.33 -6.65
N GLY B 100 -21.12 17.20 -6.02
CA GLY B 100 -20.02 17.82 -6.73
C GLY B 100 -18.79 16.94 -6.90
N GLY B 101 -18.71 15.80 -6.21
CA GLY B 101 -17.56 14.92 -6.38
C GLY B 101 -16.35 15.39 -5.58
N SER B 102 -15.19 14.84 -5.91
CA SER B 102 -13.99 14.96 -5.08
C SER B 102 -13.19 16.17 -5.54
N LEU B 103 -12.41 16.70 -4.61
CA LEU B 103 -11.51 17.79 -4.90
C LEU B 103 -10.51 17.30 -5.95
N THR B 104 -10.17 16.01 -5.94
CA THR B 104 -9.17 15.49 -6.87
C THR B 104 -9.55 15.87 -8.30
N ASP B 105 -10.81 15.68 -8.66
CA ASP B 105 -11.26 15.94 -10.03
C ASP B 105 -11.18 17.42 -10.40
N VAL B 106 -11.53 18.32 -9.46
CA VAL B 106 -11.33 19.74 -9.70
C VAL B 106 -9.85 20.05 -9.92
N VAL B 107 -8.97 19.44 -9.12
CA VAL B 107 -7.56 19.77 -9.17
C VAL B 107 -6.98 19.35 -10.52
N THR B 108 -7.37 18.19 -11.02
CA THR B 108 -6.81 17.64 -12.24
C THR B 108 -7.41 18.29 -13.49
N GLU B 109 -8.62 18.85 -13.42
CA GLU B 109 -9.31 19.36 -14.60
C GLU B 109 -9.37 20.90 -14.64
N THR B 110 -8.92 21.60 -13.62
CA THR B 110 -8.97 23.05 -13.62
C THR B 110 -7.67 23.61 -13.08
N CYS B 111 -7.48 24.92 -13.20
CA CYS B 111 -6.41 25.61 -12.50
C CYS B 111 -7.07 26.50 -11.45
N MET B 112 -7.05 26.03 -10.21
CA MET B 112 -7.61 26.74 -9.09
C MET B 112 -6.76 27.97 -8.85
N ASP B 113 -7.41 29.09 -8.54
CA ASP B 113 -6.69 30.31 -8.18
C ASP B 113 -6.48 30.33 -6.66
N GLU B 114 -5.67 31.28 -6.16
CA GLU B 114 -5.30 31.30 -4.75
C GLU B 114 -6.51 31.58 -3.88
N GLY B 115 -7.50 32.30 -4.39
CA GLY B 115 -8.69 32.57 -3.59
C GLY B 115 -9.56 31.32 -3.41
N GLN B 116 -9.63 30.50 -4.45
CA GLN B 116 -10.36 29.25 -4.38
C GLN B 116 -9.64 28.32 -3.40
N ILE B 117 -8.31 28.21 -3.53
CA ILE B 117 -7.57 27.33 -2.65
C ILE B 117 -7.72 27.77 -1.18
N ALA B 118 -7.63 29.08 -0.92
CA ALA B 118 -7.78 29.56 0.43
C ALA B 118 -9.16 29.22 0.98
N ALA B 119 -10.20 29.32 0.16
CA ALA B 119 -11.54 28.97 0.66
C ALA B 119 -11.60 27.48 1.03
N VAL B 120 -10.97 26.62 0.19
CA VAL B 120 -10.99 25.19 0.50
C VAL B 120 -10.20 24.95 1.78
N CYS B 121 -9.02 25.58 1.92
CA CYS B 121 -8.20 25.35 3.10
C CYS B 121 -8.94 25.80 4.38
N ARG B 122 -9.62 26.93 4.33
CA ARG B 122 -10.38 27.40 5.48
C ARG B 122 -11.43 26.36 5.93
N GLU B 123 -12.24 25.83 4.99
CA GLU B 123 -13.28 24.87 5.33
C GLU B 123 -12.63 23.61 5.92
N CYS B 124 -11.52 23.18 5.34
CA CYS B 124 -10.82 22.01 5.88
C CYS B 124 -10.30 22.25 7.30
N LEU B 125 -9.77 23.45 7.58
CA LEU B 125 -9.26 23.78 8.91
C LEU B 125 -10.41 23.85 9.92
N GLN B 126 -11.57 24.31 9.50
CA GLN B 126 -12.76 24.25 10.35
C GLN B 126 -13.07 22.82 10.79
N ALA B 127 -13.09 21.88 9.85
CA ALA B 127 -13.29 20.47 10.15
C ALA B 127 -12.23 19.95 11.12
N LEU B 128 -10.95 20.26 10.87
CA LEU B 128 -9.88 19.79 11.73
C LEU B 128 -9.97 20.38 13.12
N GLU B 129 -10.25 21.67 13.23
CA GLU B 129 -10.31 22.27 14.55
C GLU B 129 -11.32 21.48 15.37
N PHE B 130 -12.47 21.16 14.77
CA PHE B 130 -13.51 20.43 15.47
C PHE B 130 -13.10 18.99 15.81
N LEU B 131 -12.58 18.26 14.83
CA LEU B 131 -12.12 16.90 15.04
C LEU B 131 -11.09 16.89 16.17
N HIS B 132 -10.09 17.79 16.08
CA HIS B 132 -9.00 17.81 17.05
C HIS B 132 -9.55 18.09 18.46
N SER B 133 -10.53 18.99 18.57
CA SER B 133 -11.14 19.30 19.86
C SER B 133 -11.95 18.12 20.41
N ASN B 134 -12.27 17.13 19.57
CA ASN B 134 -12.96 15.92 19.98
C ASN B 134 -12.07 14.69 19.93
N GLN B 135 -10.76 14.87 20.06
CA GLN B 135 -9.88 13.72 20.23
C GLN B 135 -9.83 12.84 18.98
N VAL B 136 -10.02 13.37 17.75
CA VAL B 136 -9.97 12.56 16.55
C VAL B 136 -8.81 13.04 15.68
N ILE B 137 -8.00 12.12 15.19
CA ILE B 137 -6.97 12.44 14.21
C ILE B 137 -7.42 11.78 12.92
N HIS B 138 -7.49 12.55 11.83
CA HIS B 138 -7.99 12.04 10.56
C HIS B 138 -6.97 11.11 9.94
N ARG B 139 -5.73 11.62 9.72
CA ARG B 139 -4.61 10.81 9.25
C ARG B 139 -4.54 10.69 7.73
N ASN B 140 -5.67 10.90 7.03
CA ASN B 140 -5.74 10.80 5.57
C ASN B 140 -6.33 12.04 4.91
N ILE B 141 -5.89 13.23 5.35
CA ILE B 141 -6.22 14.47 4.67
C ILE B 141 -5.52 14.51 3.31
N LYS B 142 -6.32 14.34 2.26
CA LYS B 142 -5.87 14.43 0.88
C LYS B 142 -7.08 14.72 0.01
N SER B 143 -6.84 15.10 -1.24
CA SER B 143 -7.86 15.65 -2.12
C SER B 143 -8.99 14.65 -2.35
N ASP B 144 -8.67 13.35 -2.29
CA ASP B 144 -9.68 12.32 -2.51
C ASP B 144 -10.75 12.30 -1.41
N ASN B 145 -10.40 12.83 -0.23
CA ASN B 145 -11.25 12.74 0.94
C ASN B 145 -11.97 14.06 1.21
N ILE B 146 -11.82 15.03 0.29
CA ILE B 146 -12.58 16.26 0.27
C ILE B 146 -13.67 16.15 -0.79
N LEU B 147 -14.92 16.24 -0.33
CA LEU B 147 -16.07 16.21 -1.22
C LEU B 147 -16.73 17.59 -1.31
N LEU B 148 -17.32 17.89 -2.47
CA LEU B 148 -17.85 19.21 -2.76
C LEU B 148 -19.35 19.14 -3.04
N GLY B 149 -20.10 20.08 -2.46
CA GLY B 149 -21.52 20.17 -2.79
C GLY B 149 -21.77 21.09 -3.98
N MET B 150 -22.98 21.01 -4.55
CA MET B 150 -23.34 21.83 -5.68
C MET B 150 -23.45 23.31 -5.28
N ASP B 151 -23.59 23.60 -4.00
CA ASP B 151 -23.58 24.99 -3.53
C ASP B 151 -22.18 25.45 -3.13
N GLY B 152 -21.15 24.62 -3.34
CA GLY B 152 -19.80 25.00 -2.98
C GLY B 152 -19.37 24.55 -1.59
N SER B 153 -20.25 23.86 -0.84
CA SER B 153 -19.88 23.33 0.46
C SER B 153 -18.69 22.36 0.34
N VAL B 154 -17.82 22.40 1.35
CA VAL B 154 -16.63 21.57 1.39
C VAL B 154 -16.69 20.66 2.60
N LYS B 155 -16.63 19.34 2.40
CA LYS B 155 -16.72 18.42 3.53
C LYS B 155 -15.62 17.35 3.48
N LEU B 156 -15.11 17.04 4.66
CA LEU B 156 -14.18 15.95 4.92
C LEU B 156 -14.92 14.63 5.16
N THR B 157 -14.40 13.58 4.53
CA THR B 157 -14.83 12.21 4.72
C THR B 157 -13.61 11.31 4.98
N ASP B 158 -13.88 10.06 5.38
CA ASP B 158 -12.86 9.01 5.48
C ASP B 158 -13.03 7.97 4.37
N PHE B 159 -14.03 8.15 3.50
CA PHE B 159 -14.47 7.12 2.57
C PHE B 159 -14.33 7.57 1.10
N GLY B 160 -13.54 8.62 0.85
CA GLY B 160 -13.17 8.97 -0.51
C GLY B 160 -12.01 8.12 -1.04
N PHE B 161 -11.08 7.77 -0.13
CA PHE B 161 -9.95 6.88 -0.38
C PHE B 161 -9.70 6.04 0.88
N SER B 170 3.06 -2.23 8.84
CA SER B 170 4.10 -3.24 9.15
C SER B 170 5.41 -2.86 8.47
N LYS B 171 6.50 -2.94 9.23
CA LYS B 171 7.86 -2.73 8.75
C LYS B 171 8.24 -3.68 7.62
N ARG B 172 7.69 -4.90 7.62
CA ARG B 172 8.16 -5.93 6.71
C ARG B 172 7.54 -5.73 5.33
N SER B 173 6.43 -4.97 5.30
CA SER B 173 5.72 -4.67 4.07
C SER B 173 6.43 -3.56 3.33
N GLU B 174 6.41 -3.67 2.00
CA GLU B 174 6.94 -2.64 1.13
C GLU B 174 5.84 -1.58 1.01
N MET B 175 6.04 -0.60 0.13
CA MET B 175 5.02 0.42 -0.08
C MET B 175 4.69 0.50 -1.56
N VAL B 176 3.42 0.20 -1.87
CA VAL B 176 2.90 0.22 -3.24
C VAL B 176 2.97 1.65 -3.77
N GLY B 177 2.40 2.60 -3.01
CA GLY B 177 2.37 3.99 -3.41
C GLY B 177 3.21 4.87 -2.49
N THR B 178 3.33 6.13 -2.87
CA THR B 178 4.00 7.09 -2.02
C THR B 178 2.97 7.73 -1.06
N PRO B 179 3.21 7.70 0.26
CA PRO B 179 2.31 8.35 1.22
C PRO B 179 2.69 9.84 1.28
N TYR B 180 2.36 10.55 0.21
CA TYR B 180 2.90 11.88 -0.05
C TYR B 180 2.34 12.88 0.96
N TRP B 181 1.22 12.53 1.62
CA TRP B 181 0.53 13.42 2.54
C TRP B 181 1.03 13.29 3.97
N MET B 182 1.94 12.34 4.24
CA MET B 182 2.31 11.99 5.61
C MET B 182 3.42 12.88 6.17
N ALA B 183 3.23 13.30 7.42
CA ALA B 183 4.16 14.20 8.09
C ALA B 183 5.47 13.46 8.39
N PRO B 184 6.58 14.19 8.62
CA PRO B 184 7.87 13.55 8.92
C PRO B 184 7.84 12.61 10.12
N GLU B 185 7.16 13.02 11.22
CA GLU B 185 7.02 12.21 12.43
C GLU B 185 6.27 10.90 12.20
N VAL B 186 5.36 10.85 11.21
CA VAL B 186 4.67 9.61 10.90
C VAL B 186 5.62 8.69 10.12
N VAL B 187 6.36 9.23 9.13
CA VAL B 187 7.07 8.33 8.23
C VAL B 187 8.29 7.75 8.97
N THR B 188 8.80 8.47 9.99
CA THR B 188 9.87 7.96 10.84
C THR B 188 9.34 7.24 12.08
N ARG B 189 8.03 7.00 12.17
CA ARG B 189 7.43 6.10 13.15
C ARG B 189 7.47 6.61 14.59
N LYS B 190 7.60 7.92 14.83
CA LYS B 190 7.49 8.47 16.17
C LYS B 190 6.02 8.53 16.62
N ALA B 191 5.79 8.76 17.93
CA ALA B 191 4.44 9.04 18.40
C ALA B 191 4.00 10.35 17.76
N TYR B 192 2.72 10.46 17.41
CA TYR B 192 2.28 11.66 16.71
C TYR B 192 0.89 12.06 17.22
N GLY B 193 0.51 13.29 16.90
CA GLY B 193 -0.69 13.91 17.41
C GLY B 193 -1.45 14.57 16.27
N PRO B 194 -2.46 15.40 16.61
CA PRO B 194 -3.32 16.03 15.59
C PRO B 194 -2.60 16.84 14.52
N LYS B 195 -1.36 17.29 14.78
CA LYS B 195 -0.69 18.23 13.88
C LYS B 195 -0.21 17.53 12.61
N VAL B 196 -0.34 16.21 12.58
CA VAL B 196 -0.02 15.47 11.37
C VAL B 196 -1.06 15.85 10.32
N ASP B 197 -2.28 16.22 10.75
CA ASP B 197 -3.32 16.61 9.81
C ASP B 197 -3.03 17.97 9.18
N ILE B 198 -2.42 18.88 9.96
CA ILE B 198 -2.06 20.21 9.49
C ILE B 198 -1.01 20.12 8.38
N TRP B 199 -0.08 19.22 8.59
CA TRP B 199 0.91 18.88 7.59
C TRP B 199 0.25 18.45 6.30
N SER B 200 -0.58 17.41 6.41
CA SER B 200 -1.27 16.85 5.25
C SER B 200 -2.06 17.93 4.54
N LEU B 201 -2.66 18.89 5.24
CA LEU B 201 -3.40 19.96 4.59
C LEU B 201 -2.48 20.86 3.75
N GLY B 202 -1.28 21.11 4.27
CA GLY B 202 -0.27 21.89 3.55
C GLY B 202 0.10 21.20 2.25
N ILE B 203 0.27 19.88 2.30
CA ILE B 203 0.52 19.06 1.13
C ILE B 203 -0.64 19.14 0.14
N MET B 204 -1.88 19.14 0.63
CA MET B 204 -3.01 19.18 -0.27
C MET B 204 -3.05 20.52 -1.00
N ALA B 205 -2.67 21.60 -0.32
CA ALA B 205 -2.67 22.92 -0.90
C ALA B 205 -1.64 23.00 -2.03
N ILE B 206 -0.49 22.34 -1.85
CA ILE B 206 0.51 22.24 -2.92
C ILE B 206 -0.08 21.48 -4.10
N GLU B 207 -0.76 20.37 -3.83
CA GLU B 207 -1.39 19.62 -4.90
C GLU B 207 -2.39 20.49 -5.67
N MET B 208 -3.22 21.28 -4.95
CA MET B 208 -4.18 22.18 -5.57
C MET B 208 -3.52 23.17 -6.55
N ILE B 209 -2.38 23.79 -6.18
CA ILE B 209 -1.77 24.84 -7.00
C ILE B 209 -0.93 24.21 -8.11
N GLU B 210 -0.30 23.07 -7.85
CA GLU B 210 0.55 22.40 -8.84
C GLU B 210 -0.29 21.50 -9.74
N GLY B 211 -1.49 21.12 -9.28
CA GLY B 211 -2.41 20.42 -10.16
C GLY B 211 -2.19 18.90 -10.17
N GLU B 212 -1.37 18.43 -9.22
CA GLU B 212 -1.04 17.04 -9.10
C GLU B 212 -0.28 16.85 -7.77
N PRO B 213 -0.36 15.65 -7.18
CA PRO B 213 0.33 15.41 -5.92
C PRO B 213 1.85 15.54 -6.09
N PRO B 214 2.59 15.96 -5.04
CA PRO B 214 4.04 15.98 -5.08
C PRO B 214 4.64 14.58 -5.12
N TYR B 215 5.91 14.51 -5.55
CA TYR B 215 6.75 13.33 -5.48
C TYR B 215 6.44 12.32 -6.57
N LEU B 216 5.70 12.71 -7.62
CA LEU B 216 5.24 11.77 -8.64
C LEU B 216 6.40 11.26 -9.48
N ASN B 217 7.48 12.04 -9.61
CA ASN B 217 8.68 11.62 -10.32
C ASN B 217 9.68 10.93 -9.39
N GLU B 218 9.22 10.49 -8.20
CA GLU B 218 10.11 9.86 -7.23
C GLU B 218 9.66 8.43 -6.95
N ASN B 219 10.63 7.53 -6.76
CA ASN B 219 10.35 6.23 -6.17
C ASN B 219 9.85 6.43 -4.74
N PRO B 220 8.90 5.61 -4.23
CA PRO B 220 8.40 5.76 -2.86
C PRO B 220 9.42 5.84 -1.70
N LEU B 221 10.44 4.98 -1.70
CA LEU B 221 11.44 5.02 -0.65
C LEU B 221 12.20 6.36 -0.69
N ARG B 222 12.47 6.87 -1.89
CA ARG B 222 13.16 8.15 -2.04
C ARG B 222 12.28 9.27 -1.48
N ALA B 223 11.00 9.29 -1.87
CA ALA B 223 10.06 10.25 -1.32
C ALA B 223 10.00 10.20 0.21
N LEU B 224 9.97 9.00 0.78
CA LEU B 224 10.07 8.78 2.22
C LEU B 224 11.25 9.55 2.82
N TYR B 225 12.44 9.39 2.20
CA TYR B 225 13.65 10.05 2.67
C TYR B 225 13.46 11.56 2.57
N LEU B 226 12.86 12.04 1.46
CA LEU B 226 12.74 13.48 1.24
C LEU B 226 11.80 14.04 2.32
N ILE B 227 10.68 13.38 2.52
CA ILE B 227 9.71 13.85 3.49
C ILE B 227 10.40 14.03 4.84
N ALA B 228 11.06 12.95 5.27
CA ALA B 228 11.73 12.91 6.56
C ALA B 228 12.83 13.97 6.69
N THR B 229 13.56 14.32 5.63
CA THR B 229 14.75 15.16 5.83
C THR B 229 14.52 16.62 5.44
N ASN B 230 13.72 16.89 4.40
CA ASN B 230 13.48 18.24 3.89
C ASN B 230 12.17 18.78 4.40
N GLY B 231 11.27 17.88 4.80
CA GLY B 231 9.89 18.24 5.06
C GLY B 231 9.18 18.62 3.75
N THR B 232 9.05 19.94 3.51
CA THR B 232 8.29 20.46 2.39
C THR B 232 8.83 19.83 1.11
N PRO B 233 7.94 19.46 0.16
CA PRO B 233 8.35 19.17 -1.22
C PRO B 233 8.95 20.47 -1.73
N GLU B 234 9.95 20.35 -2.60
CA GLU B 234 10.36 21.47 -3.43
C GLU B 234 9.19 21.87 -4.34
N LEU B 235 8.72 23.12 -4.19
CA LEU B 235 7.73 23.71 -5.10
C LEU B 235 8.34 23.69 -6.50
N GLN B 236 7.54 23.24 -7.48
CA GLN B 236 8.02 23.09 -8.86
C GLN B 236 8.25 24.47 -9.47
N ASN B 237 7.37 25.43 -9.14
CA ASN B 237 7.41 26.78 -9.69
C ASN B 237 7.11 27.77 -8.58
N PRO B 238 8.09 28.00 -7.66
CA PRO B 238 7.85 28.84 -6.47
C PRO B 238 7.39 30.25 -6.82
N GLU B 239 7.83 30.74 -7.99
CA GLU B 239 7.53 32.10 -8.43
C GLU B 239 6.06 32.24 -8.82
N LYS B 240 5.35 31.12 -9.01
CA LYS B 240 3.92 31.14 -9.29
C LYS B 240 3.10 31.39 -8.02
N LEU B 241 3.66 31.09 -6.84
CA LEU B 241 2.96 31.20 -5.56
C LEU B 241 3.20 32.57 -4.95
N SER B 242 2.12 33.17 -4.43
CA SER B 242 2.22 34.44 -3.72
C SER B 242 3.04 34.26 -2.44
N ALA B 243 3.51 35.38 -1.88
CA ALA B 243 4.32 35.37 -0.67
C ALA B 243 3.51 34.84 0.50
N ILE B 244 2.28 35.31 0.60
CA ILE B 244 1.40 34.98 1.72
C ILE B 244 0.95 33.51 1.64
N PHE B 245 0.84 32.95 0.43
CA PHE B 245 0.56 31.53 0.28
C PHE B 245 1.78 30.69 0.70
N ARG B 246 2.99 31.10 0.30
CA ARG B 246 4.19 30.38 0.68
C ARG B 246 4.38 30.38 2.20
N ASP B 247 4.16 31.52 2.87
CA ASP B 247 4.20 31.63 4.33
C ASP B 247 3.15 30.73 5.00
N PHE B 248 1.92 30.70 4.48
CA PHE B 248 0.92 29.72 4.90
C PHE B 248 1.49 28.31 4.82
N LEU B 249 2.10 27.96 3.68
CA LEU B 249 2.61 26.60 3.54
C LEU B 249 3.72 26.35 4.58
N ASN B 250 4.58 27.34 4.86
CA ASN B 250 5.71 27.09 5.76
C ASN B 250 5.19 26.91 7.20
N ARG B 251 4.07 27.54 7.55
CA ARG B 251 3.46 27.33 8.85
C ARG B 251 2.81 25.94 8.96
N CYS B 252 2.24 25.41 7.87
CA CYS B 252 1.71 24.05 7.84
C CYS B 252 2.85 23.02 7.81
N LEU B 253 3.87 23.26 6.98
CA LEU B 253 4.93 22.28 6.75
C LEU B 253 6.19 22.59 7.57
N GLU B 254 6.00 23.05 8.81
CA GLU B 254 7.09 23.14 9.79
C GLU B 254 7.46 21.75 10.30
N MET B 255 8.75 21.39 10.25
CA MET B 255 9.24 20.09 10.71
C MET B 255 9.09 19.90 12.23
N ASP B 256 9.29 20.99 12.98
CA ASP B 256 9.22 20.97 14.43
C ASP B 256 7.75 21.04 14.85
N VAL B 257 7.24 19.94 15.41
CA VAL B 257 5.82 19.78 15.66
C VAL B 257 5.32 20.93 16.53
N GLU B 258 6.18 21.43 17.44
CA GLU B 258 5.77 22.50 18.34
C GLU B 258 5.59 23.83 17.60
N LYS B 259 6.45 24.11 16.62
CA LYS B 259 6.38 25.36 15.90
C LYS B 259 5.23 25.34 14.89
N ARG B 260 4.87 24.13 14.41
CA ARG B 260 3.83 23.96 13.41
C ARG B 260 2.48 24.46 13.93
N GLY B 261 1.68 25.07 13.06
CA GLY B 261 0.41 25.59 13.50
C GLY B 261 -0.54 24.47 13.95
N SER B 262 -1.38 24.81 14.93
CA SER B 262 -2.61 24.07 15.16
C SER B 262 -3.70 24.55 14.18
N ALA B 263 -4.82 23.79 14.13
CA ALA B 263 -5.93 24.19 13.27
C ALA B 263 -6.48 25.53 13.72
N LYS B 264 -6.61 25.67 15.05
CA LYS B 264 -7.04 26.89 15.69
C LYS B 264 -6.17 28.08 15.30
N GLU B 265 -4.85 27.98 15.40
CA GLU B 265 -3.95 29.08 15.04
C GLU B 265 -4.03 29.44 13.56
N LEU B 266 -3.95 28.43 12.69
CA LEU B 266 -3.93 28.62 11.24
C LEU B 266 -5.23 29.24 10.71
N LEU B 267 -6.35 29.08 11.43
CA LEU B 267 -7.60 29.71 11.02
C LEU B 267 -7.44 31.22 11.05
N GLN B 268 -6.40 31.73 11.73
CA GLN B 268 -6.16 33.17 11.83
C GLN B 268 -5.11 33.67 10.83
N HIS B 269 -4.47 32.76 10.09
CA HIS B 269 -3.46 33.15 9.10
C HIS B 269 -4.04 34.06 8.02
N GLN B 270 -3.25 35.06 7.60
CA GLN B 270 -3.63 36.06 6.59
C GLN B 270 -4.06 35.45 5.26
N PHE B 271 -3.42 34.34 4.85
CA PHE B 271 -3.76 33.69 3.60
C PHE B 271 -5.26 33.46 3.48
N LEU B 272 -5.92 33.07 4.58
CA LEU B 272 -7.33 32.70 4.52
C LEU B 272 -8.18 33.92 4.22
N LYS B 273 -7.68 35.13 4.53
CA LYS B 273 -8.42 36.34 4.24
C LYS B 273 -8.55 36.62 2.74
N ILE B 274 -7.75 35.98 1.86
CA ILE B 274 -7.95 36.15 0.42
C ILE B 274 -9.02 35.20 -0.11
N ALA B 275 -9.57 34.33 0.75
CA ALA B 275 -10.53 33.34 0.31
C ALA B 275 -11.69 34.02 -0.41
N LYS B 276 -12.11 33.43 -1.53
CA LYS B 276 -13.35 33.83 -2.18
C LYS B 276 -14.52 33.17 -1.47
N PRO B 277 -15.78 33.62 -1.70
CA PRO B 277 -16.98 32.91 -1.26
C PRO B 277 -17.02 31.50 -1.85
N LEU B 278 -17.78 30.62 -1.18
CA LEU B 278 -17.82 29.22 -1.60
C LEU B 278 -18.55 29.08 -2.93
N SER B 279 -19.39 30.08 -3.28
CA SER B 279 -19.98 30.12 -4.61
C SER B 279 -18.90 30.09 -5.70
N SER B 280 -17.68 30.59 -5.40
CA SER B 280 -16.58 30.58 -6.38
C SER B 280 -16.12 29.19 -6.79
N LEU B 281 -16.51 28.15 -6.03
CA LEU B 281 -16.13 26.78 -6.35
C LEU B 281 -17.07 26.13 -7.34
N THR B 282 -18.30 26.64 -7.50
CA THR B 282 -19.26 25.89 -8.31
C THR B 282 -18.88 25.93 -9.78
N PRO B 283 -18.25 26.99 -10.33
CA PRO B 283 -17.73 26.89 -11.69
C PRO B 283 -16.71 25.77 -11.87
N LEU B 284 -15.88 25.54 -10.84
CA LEU B 284 -14.86 24.50 -10.87
C LEU B 284 -15.50 23.13 -10.98
N ILE B 285 -16.60 22.95 -10.23
CA ILE B 285 -17.36 21.72 -10.24
C ILE B 285 -17.97 21.50 -11.62
N ALA B 286 -18.55 22.55 -12.23
CA ALA B 286 -19.11 22.41 -13.57
C ALA B 286 -18.03 22.04 -14.59
N ALA B 287 -16.86 22.67 -14.49
CA ALA B 287 -15.75 22.30 -15.35
C ALA B 287 -15.34 20.83 -15.19
N ALA B 288 -15.20 20.37 -13.96
CA ALA B 288 -14.71 19.03 -13.71
C ALA B 288 -15.72 17.99 -14.22
N LYS B 289 -17.01 18.25 -14.07
CA LYS B 289 -18.01 17.34 -14.61
C LYS B 289 -18.00 17.31 -16.14
N GLU B 290 -17.94 18.48 -16.76
CA GLU B 290 -17.87 18.54 -18.20
C GLU B 290 -16.66 17.74 -18.70
N ALA B 291 -15.52 17.87 -18.02
CA ALA B 291 -14.30 17.26 -18.51
C ALA B 291 -14.36 15.73 -18.42
N THR B 292 -15.09 15.20 -17.42
CA THR B 292 -15.01 13.77 -17.12
C THR B 292 -16.31 13.05 -17.49
N LYS B 293 -17.13 13.62 -18.38
CA LYS B 293 -18.50 13.15 -18.57
C LYS B 293 -18.52 11.88 -19.46
C1 A1A2T C . 2.41 -10.51 1.77
C2 A1A2T C . 1.03 -10.75 1.33
N4 A1A2T C . -0.86 -20.43 4.44
C5 A1A2T C . -0.61 -15.05 2.34
C6 A1A2T C . 0.30 -15.85 3.31
N7 A1A2T C . -0.16 -18.52 2.53
C11 A1A2T C . -0.34 -19.39 -0.25
C12 A1A2T C . -0.27 -19.04 -2.45
C13 A1A2T C . -0.28 -17.75 -2.02
C14 A1A2T C . -0.35 -16.55 -2.86
C15 A1A2T C . 0.34 -15.30 -2.46
C16 A1A2T C . 0.84 -16.09 -3.61
C17 A1A2T C . 0.73 -14.47 3.93
C18 A1A2T C . 1.48 -15.71 2.28
C19 A1A2T C . 0.09 -9.52 1.37
C20 A1A2T C . 0.83 -10.79 -0.22
N1 A1A2T C . 3.45 -10.40 2.27
C3 A1A2T C . 0.50 -11.97 2.03
O1 A1A2T C . -0.42 -11.94 2.85
N2 A1A2T C . 1.12 -13.10 1.71
C4 A1A2T C . 0.78 -14.32 2.37
N3 A1A2T C . 0.00 -16.95 4.22
C7 A1A2T C . -0.25 -18.20 3.83
C8 A1A2T C . -0.58 -19.17 4.79
C9 A1A2T C . -0.81 -20.73 3.14
C10 A1A2T C . -0.44 -19.79 2.19
N5 A1A2T C . -0.38 -20.16 0.85
N6 A1A2T C . -0.29 -19.99 -1.44
S1 A1A2T C . -0.32 -17.68 -0.35
N8 A1A2T C . -0.32 -9.85 -0.03
C1 A1A2T D . -15.58 3.88 0.07
C2 A1A2T D . -14.98 3.77 -1.26
N4 A1A2T D . -19.17 11.57 -7.01
C5 A1A2T D . -17.79 7.05 -3.57
C6 A1A2T D . -16.89 8.00 -4.44
N7 A1A2T D . -18.68 10.38 -4.53
C11 A1A2T D . -20.16 11.48 -2.26
C12 A1A2T D . -20.89 11.35 -0.14
C13 A1A2T D . -20.14 10.20 -0.16
C14 A1A2T D . -19.99 9.29 0.99
C15 A1A2T D . -19.23 8.01 0.84
C16 A1A2T D . -18.64 9.11 1.63
C17 A1A2T D . -15.89 6.79 -4.57
C18 A1A2T D . -16.12 8.43 -3.14
C19 A1A2T D . -13.44 4.05 -1.25
C20 A1A2T D . -14.62 2.33 -1.71
N1 A1A2T D . -16.24 3.86 1.05
C3 A1A2T D . -15.84 4.60 -2.21
O1 A1A2T D . -16.48 4.04 -3.11
N2 A1A2T D . -15.88 5.93 -2.01
C4 A1A2T D . -16.31 6.88 -3.06
N3 A1A2T D . -17.28 8.80 -5.62
C7 A1A2T D . -18.10 9.90 -5.66
C8 A1A2T D . -18.38 10.51 -6.90
C9 A1A2T D . -19.73 12.05 -5.89
C10 A1A2T D . -19.47 11.47 -4.64
N5 A1A2T D . -20.09 12.00 -3.51
N6 A1A2T D . -20.92 12.08 -1.31
S1 A1A2T D . -19.45 10.04 -1.73
N8 A1A2T D . -13.19 2.60 -1.42
#